data_9F5E
#
_entry.id   9F5E
#
_cell.length_a   37.893
_cell.length_b   43.977
_cell.length_c   56.013
_cell.angle_alpha   90.000
_cell.angle_beta   94.560
_cell.angle_gamma   90.000
#
_symmetry.space_group_name_H-M   'P 1 21 1'
#
loop_
_entity.id
_entity.type
_entity.pdbx_description
1 polymer 'Heterogeneous nuclear ribonucleoprotein A1, N-terminally processed'
2 non-polymer N-(4-methyl-1,3-thiazol-2-yl)propanamide
3 water water
#
_entity_poly.entity_id   1
_entity_poly.type   'polypeptide(L)'
_entity_poly.pdbx_seq_one_letter_code
;GPMGSKSESPKEPEQLRKLFIGGLSFETTDESLRSHFEQWGTLTDCVVMRDPNTKRSRGFGFVTYATVEEVDAAMNARPH
KVDGRVVEPKRAVSREDSQRPGAHLTVKKIFVGGIKEDTEEHHLRDYFEQYGKIEVIEIMTDRGSGKKRGFAFVTFDDHD
SVDKIVIQKYHTVNGHNCEVRKALSKQEMASASSSQRG
;
_entity_poly.pdbx_strand_id   A
#
loop_
_chem_comp.id
_chem_comp.type
_chem_comp.name
_chem_comp.formula
JFP non-polymer N-(4-methyl-1,3-thiazol-2-yl)propanamide 'C7 H10 N2 O S'
#
# COMPACT_ATOMS: atom_id res chain seq x y z
N PRO A 10 -19.05 6.18 10.79
CA PRO A 10 -17.92 6.10 11.72
C PRO A 10 -16.91 5.03 11.31
N LYS A 11 -17.35 4.00 10.59
CA LYS A 11 -16.45 2.97 10.13
C LYS A 11 -15.77 3.40 8.84
N GLU A 12 -14.46 3.15 8.75
CA GLU A 12 -13.74 3.44 7.53
C GLU A 12 -14.36 2.64 6.38
N PRO A 13 -14.35 3.16 5.16
CA PRO A 13 -14.89 2.40 4.02
C PRO A 13 -14.26 1.03 3.93
N GLU A 14 -15.11 0.02 3.67
CA GLU A 14 -14.65 -1.36 3.64
C GLU A 14 -13.52 -1.59 2.65
N GLN A 15 -13.54 -0.87 1.52
CA GLN A 15 -12.47 -1.03 0.54
C GLN A 15 -11.09 -0.78 1.14
N LEU A 16 -10.99 0.14 2.10
CA LEU A 16 -9.71 0.49 2.71
C LEU A 16 -9.32 -0.47 3.82
N ARG A 17 -10.17 -1.45 4.12
CA ARG A 17 -9.94 -2.40 5.19
C ARG A 17 -9.61 -3.79 4.66
N LYS A 18 -9.51 -3.95 3.34
CA LYS A 18 -9.29 -5.24 2.71
C LYS A 18 -7.81 -5.44 2.41
N LEU A 19 -7.37 -6.70 2.48
CA LEU A 19 -6.08 -7.06 1.96
C LEU A 19 -6.29 -8.20 0.98
N PHE A 20 -5.74 -8.06 -0.22
CA PHE A 20 -5.61 -9.16 -1.17
C PHE A 20 -4.42 -9.97 -0.68
N ILE A 21 -4.55 -11.28 -0.64
CA ILE A 21 -3.47 -12.14 -0.18
C ILE A 21 -3.12 -13.06 -1.35
N GLY A 22 -2.00 -12.75 -2.02
CA GLY A 22 -1.55 -13.58 -3.13
C GLY A 22 -0.56 -14.65 -2.70
N GLY A 23 -0.38 -15.63 -3.58
CA GLY A 23 0.62 -16.65 -3.34
C GLY A 23 0.24 -17.69 -2.30
N LEU A 24 -1.05 -17.92 -2.11
CA LEU A 24 -1.47 -18.89 -1.11
C LEU A 24 -1.07 -20.30 -1.46
N SER A 25 -0.78 -21.08 -0.42
CA SER A 25 -0.80 -22.52 -0.57
C SER A 25 -2.18 -22.95 -1.04
N PHE A 26 -2.22 -23.91 -1.97
CA PHE A 26 -3.50 -24.45 -2.40
C PHE A 26 -4.24 -25.17 -1.28
N GLU A 27 -3.56 -25.50 -0.17
CA GLU A 27 -4.24 -26.11 0.96
C GLU A 27 -4.80 -25.11 1.95
N THR A 28 -4.52 -23.81 1.78
CA THR A 28 -5.13 -22.80 2.63
C THR A 28 -6.63 -22.72 2.40
N THR A 29 -7.36 -22.63 3.50
CA THR A 29 -8.82 -22.60 3.49
C THR A 29 -9.28 -21.28 4.09
N ASP A 30 -10.58 -20.99 3.93
CA ASP A 30 -11.15 -19.83 4.60
C ASP A 30 -10.78 -19.85 6.08
N GLU A 31 -10.87 -21.03 6.70
CA GLU A 31 -10.62 -21.15 8.12
C GLU A 31 -9.16 -20.93 8.48
N SER A 32 -8.24 -21.48 7.69
CA SER A 32 -6.83 -21.34 8.06
C SER A 32 -6.30 -19.95 7.73
N LEU A 33 -6.82 -19.34 6.67
CA LEU A 33 -6.47 -17.95 6.38
C LEU A 33 -6.96 -17.03 7.48
N ARG A 34 -8.20 -17.26 7.95
CA ARG A 34 -8.73 -16.47 9.06
C ARG A 34 -7.93 -16.68 10.34
N SER A 35 -7.65 -17.94 10.70
CA SER A 35 -6.89 -18.19 11.91
C SER A 35 -5.58 -17.44 11.88
N HIS A 36 -4.91 -17.42 10.73
CA HIS A 36 -3.64 -16.70 10.64
C HIS A 36 -3.84 -15.20 10.81
N PHE A 37 -4.71 -14.61 9.99
CA PHE A 37 -4.77 -13.15 9.98
C PHE A 37 -5.52 -12.54 11.15
N GLU A 38 -6.32 -13.34 11.88
CA GLU A 38 -6.95 -12.82 13.10
C GLU A 38 -5.92 -12.47 14.17
N GLN A 39 -4.66 -12.85 13.99
CA GLN A 39 -3.67 -12.44 14.97
C GLN A 39 -3.44 -10.94 14.99
N TRP A 40 -3.82 -10.22 13.92
CA TRP A 40 -3.58 -8.78 13.84
C TRP A 40 -4.84 -7.94 13.85
N GLY A 41 -6.00 -8.53 14.02
CA GLY A 41 -7.21 -7.74 14.15
C GLY A 41 -8.44 -8.59 13.95
N THR A 42 -9.59 -7.97 14.22
CA THR A 42 -10.88 -8.60 13.96
C THR A 42 -11.13 -8.67 12.46
N LEU A 43 -11.46 -9.86 11.97
CA LEU A 43 -11.76 -10.07 10.55
C LEU A 43 -13.27 -10.12 10.35
N THR A 44 -13.80 -9.15 9.63
CA THR A 44 -15.20 -9.15 9.25
C THR A 44 -15.47 -10.03 8.03
N ASP A 45 -14.45 -10.42 7.28
CA ASP A 45 -14.65 -11.35 6.18
C ASP A 45 -13.29 -11.96 5.85
N CYS A 46 -13.31 -13.16 5.28
CA CYS A 46 -12.07 -13.85 4.91
C CYS A 46 -12.44 -14.97 3.96
N VAL A 47 -11.89 -14.95 2.75
N VAL A 47 -11.89 -14.93 2.74
CA VAL A 47 -12.28 -15.92 1.73
CA VAL A 47 -12.27 -15.86 1.67
C VAL A 47 -11.07 -16.31 0.89
C VAL A 47 -11.05 -16.30 0.89
N VAL A 48 -10.97 -17.60 0.59
CA VAL A 48 -10.03 -18.13 -0.40
C VAL A 48 -10.78 -18.21 -1.72
N MET A 49 -10.21 -17.64 -2.78
CA MET A 49 -10.81 -17.77 -4.10
C MET A 49 -10.59 -19.16 -4.65
N ARG A 50 -11.66 -19.78 -5.16
CA ARG A 50 -11.60 -21.14 -5.71
C ARG A 50 -12.26 -21.19 -7.07
N ASP A 51 -11.86 -22.23 -7.84
CA ASP A 51 -12.54 -22.49 -9.10
C ASP A 51 -14.00 -22.86 -8.84
N PRO A 52 -14.93 -22.34 -9.64
CA PRO A 52 -16.35 -22.65 -9.38
C PRO A 52 -16.72 -24.10 -9.62
N ASN A 53 -15.99 -24.83 -10.46
CA ASN A 53 -16.32 -26.22 -10.76
C ASN A 53 -15.48 -27.20 -9.94
N THR A 54 -14.16 -27.01 -9.88
CA THR A 54 -13.30 -27.99 -9.23
C THR A 54 -13.14 -27.75 -7.74
N LYS A 55 -13.47 -26.54 -7.27
CA LYS A 55 -13.19 -26.09 -5.91
C LYS A 55 -11.70 -25.98 -5.60
N ARG A 56 -10.84 -26.18 -6.58
CA ARG A 56 -9.41 -26.03 -6.36
C ARG A 56 -9.07 -24.57 -6.17
N SER A 57 -8.24 -24.28 -5.17
CA SER A 57 -7.79 -22.93 -4.89
C SER A 57 -7.22 -22.25 -6.12
N ARG A 58 -7.53 -20.97 -6.25
CA ARG A 58 -6.91 -20.11 -7.24
C ARG A 58 -5.61 -19.48 -6.73
N GLY A 59 -5.23 -19.78 -5.50
CA GLY A 59 -3.96 -19.31 -4.98
C GLY A 59 -3.98 -17.91 -4.45
N PHE A 60 -5.15 -17.35 -4.26
CA PHE A 60 -5.23 -16.01 -3.64
C PHE A 60 -6.54 -15.90 -2.92
N GLY A 61 -6.59 -14.91 -2.04
CA GLY A 61 -7.81 -14.68 -1.29
C GLY A 61 -7.81 -13.28 -0.72
N PHE A 62 -8.80 -13.01 0.13
N PHE A 62 -8.80 -13.01 0.12
CA PHE A 62 -8.92 -11.65 0.70
CA PHE A 62 -8.91 -11.64 0.69
C PHE A 62 -9.34 -11.71 2.14
C PHE A 62 -9.37 -11.69 2.13
N VAL A 63 -8.86 -10.76 2.93
CA VAL A 63 -9.28 -10.68 4.34
C VAL A 63 -9.75 -9.23 4.51
N THR A 64 -10.75 -9.02 5.33
CA THR A 64 -11.26 -7.68 5.63
C THR A 64 -11.23 -7.47 7.13
N TYR A 65 -10.46 -6.49 7.56
CA TYR A 65 -10.37 -6.13 8.97
C TYR A 65 -11.47 -5.13 9.36
N ALA A 66 -11.68 -5.01 10.67
CA ALA A 66 -12.65 -4.04 11.16
C ALA A 66 -12.16 -2.61 11.06
N THR A 67 -10.85 -2.38 11.05
CA THR A 67 -10.31 -1.02 11.02
C THR A 67 -9.05 -0.96 10.16
N VAL A 68 -8.74 0.25 9.70
CA VAL A 68 -7.51 0.50 8.95
C VAL A 68 -6.28 0.24 9.80
N GLU A 69 -6.31 0.60 11.10
CA GLU A 69 -5.16 0.32 11.95
C GLU A 69 -4.83 -1.17 11.99
N GLU A 70 -5.85 -2.04 11.90
CA GLU A 70 -5.61 -3.47 11.85
C GLU A 70 -4.94 -3.88 10.56
N VAL A 71 -5.36 -3.30 9.42
CA VAL A 71 -4.66 -3.52 8.16
C VAL A 71 -3.18 -3.18 8.32
N ASP A 72 -2.92 -1.99 8.89
CA ASP A 72 -1.54 -1.57 9.12
C ASP A 72 -0.79 -2.60 9.95
N ALA A 73 -1.41 -3.10 11.02
CA ALA A 73 -0.74 -4.06 11.88
C ALA A 73 -0.39 -5.32 11.11
N ALA A 74 -1.30 -5.79 10.26
CA ALA A 74 -1.00 -6.97 9.47
C ALA A 74 0.12 -6.71 8.49
N MET A 75 0.11 -5.55 7.84
CA MET A 75 1.16 -5.25 6.89
C MET A 75 2.50 -5.10 7.60
N ASN A 76 2.50 -4.55 8.81
CA ASN A 76 3.74 -4.38 9.55
C ASN A 76 4.30 -5.71 10.05
N ALA A 77 3.49 -6.77 10.04
CA ALA A 77 3.90 -8.09 10.48
C ALA A 77 4.37 -8.98 9.34
N ARG A 78 4.42 -8.47 8.10
CA ARG A 78 5.07 -9.19 7.02
C ARG A 78 6.54 -9.44 7.37
N PRO A 79 7.14 -10.50 6.83
CA PRO A 79 6.55 -11.48 5.90
C PRO A 79 5.61 -12.45 6.61
N HIS A 80 4.50 -12.79 5.96
CA HIS A 80 3.55 -13.74 6.49
C HIS A 80 3.75 -15.10 5.82
N LYS A 81 4.02 -16.11 6.64
CA LYS A 81 4.08 -17.50 6.20
C LYS A 81 2.79 -18.16 6.62
N VAL A 82 1.93 -18.46 5.67
CA VAL A 82 0.59 -18.97 5.92
C VAL A 82 0.56 -20.40 5.40
N ASP A 83 0.33 -21.35 6.31
CA ASP A 83 0.29 -22.75 5.94
C ASP A 83 1.55 -23.17 5.19
N GLY A 84 2.69 -22.63 5.62
CA GLY A 84 3.98 -23.05 5.08
C GLY A 84 4.50 -22.27 3.91
N ARG A 85 3.76 -21.28 3.41
CA ARG A 85 4.15 -20.54 2.22
C ARG A 85 4.13 -19.05 2.52
N VAL A 86 5.14 -18.33 2.06
CA VAL A 86 5.17 -16.88 2.23
C VAL A 86 4.23 -16.26 1.21
N VAL A 87 3.26 -15.48 1.70
CA VAL A 87 2.21 -14.93 0.87
C VAL A 87 2.52 -13.46 0.58
N GLU A 88 1.70 -12.84 -0.26
CA GLU A 88 1.92 -11.47 -0.74
C GLU A 88 0.70 -10.62 -0.46
N PRO A 89 0.65 -9.91 0.66
CA PRO A 89 -0.54 -9.10 0.97
C PRO A 89 -0.41 -7.75 0.30
N LYS A 90 -1.53 -7.24 -0.19
CA LYS A 90 -1.57 -5.88 -0.79
C LYS A 90 -2.90 -5.21 -0.44
N ARG A 91 -2.85 -3.94 -0.14
CA ARG A 91 -4.07 -3.16 0.15
C ARG A 91 -4.54 -2.48 -1.13
N ALA A 92 -5.81 -2.11 -1.15
CA ALA A 92 -6.39 -1.49 -2.36
C ALA A 92 -6.06 0.00 -2.50
N VAL A 93 -5.92 0.42 -3.75
CA VAL A 93 -5.74 1.86 -4.01
C VAL A 93 -6.76 2.23 -5.10
N SER A 94 -6.90 3.51 -5.36
CA SER A 94 -7.89 3.96 -6.31
C SER A 94 -7.42 3.73 -7.75
N ARG A 95 -8.34 3.75 -8.70
CA ARG A 95 -8.01 3.46 -10.13
C ARG A 95 -7.00 4.49 -10.67
N GLU A 96 -7.02 5.70 -10.13
CA GLU A 96 -6.06 6.75 -10.57
C GLU A 96 -4.62 6.24 -10.40
N ASP A 97 -4.38 5.36 -9.41
CA ASP A 97 -3.02 4.83 -9.16
C ASP A 97 -2.95 3.37 -9.63
N SER A 98 -3.75 3.02 -10.65
CA SER A 98 -3.75 1.63 -11.18
C SER A 98 -3.43 1.62 -12.68
N GLN A 99 -2.92 0.48 -13.17
CA GLN A 99 -2.51 0.37 -14.60
C GLN A 99 -3.71 -0.12 -15.42
N ARG A 100 -4.73 -0.63 -14.76
CA ARG A 100 -5.97 -1.08 -15.46
C ARG A 100 -6.98 -1.44 -14.37
N PRO A 101 -8.30 -1.49 -14.66
CA PRO A 101 -9.25 -1.77 -13.60
C PRO A 101 -8.97 -3.09 -12.93
N GLY A 102 -8.91 -3.09 -11.61
CA GLY A 102 -8.78 -4.38 -10.89
C GLY A 102 -7.35 -4.80 -10.69
N ALA A 103 -6.43 -4.02 -11.24
CA ALA A 103 -5.04 -4.40 -11.12
C ALA A 103 -4.32 -3.44 -10.19
N HIS A 104 -3.32 -3.96 -9.49
CA HIS A 104 -2.54 -3.20 -8.53
C HIS A 104 -1.21 -2.86 -9.17
N LEU A 105 -0.87 -1.58 -9.17
CA LEU A 105 0.41 -1.09 -9.68
C LEU A 105 1.38 -1.07 -8.51
N THR A 106 2.18 -2.12 -8.38
CA THR A 106 2.91 -2.37 -7.15
C THR A 106 4.28 -1.71 -7.29
N VAL A 107 4.39 -0.47 -6.81
CA VAL A 107 5.60 0.32 -6.99
C VAL A 107 6.05 0.89 -5.66
N LYS A 108 7.31 1.31 -5.61
CA LYS A 108 7.95 1.79 -4.40
C LYS A 108 8.26 3.30 -4.45
N LYS A 109 7.82 3.99 -5.49
CA LYS A 109 8.22 5.38 -5.70
C LYS A 109 6.99 6.25 -5.89
N ILE A 110 7.03 7.47 -5.34
CA ILE A 110 5.97 8.45 -5.51
C ILE A 110 6.52 9.71 -6.17
N PHE A 111 5.65 10.33 -6.95
CA PHE A 111 5.79 11.73 -7.38
C PHE A 111 5.11 12.62 -6.33
N VAL A 112 5.78 13.70 -5.96
CA VAL A 112 5.27 14.68 -5.01
C VAL A 112 5.31 16.03 -5.72
N GLY A 113 4.13 16.58 -6.04
CA GLY A 113 4.06 17.85 -6.73
C GLY A 113 3.51 18.96 -5.87
N GLY A 114 3.84 20.20 -6.21
CA GLY A 114 3.26 21.36 -5.49
C GLY A 114 4.11 21.86 -4.34
N ILE A 115 5.37 21.45 -4.28
CA ILE A 115 6.24 21.80 -3.12
C ILE A 115 6.95 23.13 -3.33
N LYS A 116 6.84 23.67 -4.53
CA LYS A 116 7.40 25.03 -4.80
C LYS A 116 8.93 25.02 -4.68
N GLU A 117 9.50 26.20 -4.44
CA GLU A 117 10.98 26.30 -4.44
C GLU A 117 11.55 26.33 -3.01
N ASP A 118 10.69 26.35 -2.00
CA ASP A 118 11.21 26.47 -0.60
C ASP A 118 11.24 25.11 0.16
N THR A 119 10.81 24.05 -0.49
CA THR A 119 10.77 22.75 0.17
C THR A 119 12.09 22.02 -0.04
N GLU A 120 12.65 21.51 1.06
CA GLU A 120 13.95 20.86 1.11
C GLU A 120 13.79 19.38 1.41
N GLU A 121 14.92 18.67 1.30
CA GLU A 121 14.90 17.23 1.50
C GLU A 121 14.41 16.86 2.89
N HIS A 122 14.79 17.64 3.91
CA HIS A 122 14.40 17.27 5.26
C HIS A 122 12.91 17.42 5.47
N HIS A 123 12.27 18.37 4.78
CA HIS A 123 10.80 18.49 4.87
C HIS A 123 10.14 17.22 4.37
N LEU A 124 10.59 16.70 3.23
CA LEU A 124 10.02 15.48 2.68
C LEU A 124 10.33 14.27 3.55
N ARG A 125 11.57 14.19 4.05
CA ARG A 125 11.94 13.06 4.89
C ARG A 125 11.13 13.03 6.18
N ASP A 126 11.04 14.17 6.86
CA ASP A 126 10.35 14.20 8.14
C ASP A 126 8.89 13.80 7.99
N TYR A 127 8.27 14.18 6.88
CA TYR A 127 6.87 13.83 6.66
C TYR A 127 6.72 12.39 6.22
N PHE A 128 7.44 11.99 5.17
CA PHE A 128 7.18 10.69 4.58
C PHE A 128 7.76 9.52 5.36
N GLU A 129 8.71 9.78 6.26
CA GLU A 129 9.35 8.66 6.96
C GLU A 129 8.35 7.89 7.83
N GLN A 130 7.24 8.50 8.20
CA GLN A 130 6.23 7.81 8.99
C GLN A 130 5.34 6.90 8.16
N TYR A 131 5.47 6.92 6.84
CA TYR A 131 4.79 5.97 5.98
C TYR A 131 5.63 4.75 5.66
N GLY A 132 6.96 4.89 5.70
CA GLY A 132 7.82 3.75 5.44
C GLY A 132 9.25 4.20 5.40
N LYS A 133 10.12 3.23 5.20
CA LYS A 133 11.56 3.49 5.20
C LYS A 133 11.95 4.08 3.85
N ILE A 134 12.52 5.27 3.88
CA ILE A 134 12.90 5.98 2.66
C ILE A 134 14.30 5.57 2.23
N GLU A 135 14.45 5.28 0.93
CA GLU A 135 15.76 5.02 0.37
C GLU A 135 16.31 6.17 -0.47
N VAL A 136 15.46 6.90 -1.18
CA VAL A 136 15.91 7.98 -2.06
C VAL A 136 14.93 9.13 -1.98
N ILE A 137 15.45 10.36 -1.85
CA ILE A 137 14.67 11.57 -2.06
C ILE A 137 15.34 12.37 -3.16
N GLU A 138 14.58 12.68 -4.21
CA GLU A 138 15.09 13.40 -5.36
C GLU A 138 14.27 14.67 -5.56
N ILE A 139 14.82 15.81 -5.14
CA ILE A 139 14.19 17.09 -5.39
C ILE A 139 14.59 17.55 -6.79
N MET A 140 13.60 17.70 -7.66
CA MET A 140 13.88 18.04 -9.06
C MET A 140 14.30 19.49 -9.24
N THR A 141 15.36 19.67 -10.02
CA THR A 141 15.90 20.98 -10.34
C THR A 141 16.01 21.11 -11.84
N ASP A 142 16.00 22.36 -12.29
CA ASP A 142 16.05 22.63 -13.72
C ASP A 142 17.43 22.28 -14.28
N ARG A 143 17.41 21.59 -15.43
CA ARG A 143 18.62 21.10 -16.07
C ARG A 143 19.55 22.23 -16.48
N GLY A 144 19.00 23.38 -16.80
CA GLY A 144 19.80 24.52 -17.23
C GLY A 144 20.21 25.44 -16.10
N SER A 145 19.29 25.75 -15.18
CA SER A 145 19.54 26.79 -14.18
C SER A 145 19.83 26.24 -12.80
N GLY A 146 19.49 24.99 -12.54
CA GLY A 146 19.59 24.45 -11.20
C GLY A 146 18.49 24.87 -10.25
N LYS A 147 17.54 25.69 -10.70
CA LYS A 147 16.46 26.12 -9.81
C LYS A 147 15.52 24.97 -9.54
N LYS A 148 14.95 24.96 -8.35
CA LYS A 148 13.98 23.92 -8.01
C LYS A 148 12.73 24.06 -8.88
N ARG A 149 12.24 22.92 -9.34
CA ARG A 149 11.09 22.91 -10.23
C ARG A 149 9.76 22.74 -9.51
N GLY A 150 9.79 22.45 -8.22
CA GLY A 150 8.55 22.33 -7.47
C GLY A 150 7.98 20.94 -7.39
N PHE A 151 8.77 19.91 -7.66
CA PHE A 151 8.30 18.54 -7.47
C PHE A 151 9.48 17.66 -7.09
N ALA A 152 9.16 16.46 -6.63
CA ALA A 152 10.18 15.55 -6.11
C ALA A 152 9.69 14.13 -6.28
N PHE A 153 10.62 13.20 -6.15
CA PHE A 153 10.32 11.78 -6.07
C PHE A 153 10.87 11.20 -4.79
N VAL A 154 10.10 10.33 -4.16
CA VAL A 154 10.53 9.64 -2.95
C VAL A 154 10.41 8.15 -3.22
N THR A 155 11.49 7.42 -2.97
CA THR A 155 11.54 5.96 -3.12
C THR A 155 11.65 5.33 -1.75
N PHE A 156 10.76 4.37 -1.48
CA PHE A 156 10.70 3.62 -0.25
C PHE A 156 11.24 2.22 -0.46
N ASP A 157 11.45 1.51 0.65
CA ASP A 157 11.91 0.13 0.54
C ASP A 157 10.80 -0.86 0.25
N ASP A 158 9.55 -0.41 0.14
CA ASP A 158 8.44 -1.36 0.05
C ASP A 158 7.20 -0.61 -0.43
N HIS A 159 6.35 -1.34 -1.14
CA HIS A 159 5.21 -0.74 -1.81
C HIS A 159 4.10 -0.31 -0.86
N ASP A 160 4.01 -0.88 0.35
CA ASP A 160 2.86 -0.56 1.18
C ASP A 160 2.89 0.90 1.62
N SER A 161 4.09 1.44 1.86
N SER A 161 4.10 1.45 1.79
CA SER A 161 4.23 2.88 2.11
CA SER A 161 4.27 2.86 2.10
C SER A 161 3.53 3.70 1.04
C SER A 161 3.57 3.71 1.05
N VAL A 162 3.84 3.41 -0.23
CA VAL A 162 3.23 4.13 -1.34
C VAL A 162 1.72 3.96 -1.33
N ASP A 163 1.24 2.73 -1.12
CA ASP A 163 -0.20 2.48 -1.12
C ASP A 163 -0.89 3.29 -0.04
N LYS A 164 -0.32 3.34 1.17
CA LYS A 164 -0.92 4.16 2.22
C LYS A 164 -0.93 5.63 1.85
N ILE A 165 0.13 6.09 1.20
CA ILE A 165 0.26 7.50 0.85
C ILE A 165 -0.81 7.91 -0.17
N VAL A 166 -0.95 7.13 -1.24
CA VAL A 166 -1.79 7.60 -2.35
C VAL A 166 -3.27 7.49 -2.08
N ILE A 167 -3.68 6.77 -1.03
CA ILE A 167 -5.10 6.72 -0.69
C ILE A 167 -5.52 7.85 0.23
N GLN A 168 -4.59 8.62 0.80
CA GLN A 168 -4.97 9.82 1.56
C GLN A 168 -5.52 10.88 0.62
N LYS A 169 -6.57 11.58 1.08
CA LYS A 169 -7.09 12.71 0.31
C LYS A 169 -6.13 13.89 0.26
N TYR A 170 -5.34 14.10 1.32
CA TYR A 170 -4.53 15.31 1.48
C TYR A 170 -3.13 14.97 1.96
N HIS A 171 -2.15 15.73 1.48
CA HIS A 171 -0.80 15.73 2.03
C HIS A 171 -0.33 17.16 2.19
N THR A 172 0.04 17.53 3.42
CA THR A 172 0.53 18.87 3.72
C THR A 172 1.99 18.75 4.11
N VAL A 173 2.86 19.33 3.30
CA VAL A 173 4.30 19.23 3.49
C VAL A 173 4.87 20.64 3.37
N ASN A 174 5.54 21.11 4.42
CA ASN A 174 6.11 22.45 4.42
C ASN A 174 5.03 23.49 4.16
N GLY A 175 3.84 23.25 4.68
CA GLY A 175 2.72 24.16 4.51
C GLY A 175 2.06 24.15 3.15
N HIS A 176 2.51 23.31 2.23
CA HIS A 176 1.95 23.23 0.89
C HIS A 176 1.00 22.03 0.83
N ASN A 177 -0.13 22.22 0.17
CA ASN A 177 -1.03 21.11 -0.16
C ASN A 177 -0.48 20.43 -1.41
N CYS A 178 -0.02 19.19 -1.26
CA CYS A 178 0.73 18.51 -2.32
C CYS A 178 -0.13 17.50 -3.07
N GLU A 179 0.25 17.28 -4.32
CA GLU A 179 -0.31 16.23 -5.17
C GLU A 179 0.67 15.06 -5.13
N VAL A 180 0.19 13.88 -4.75
CA VAL A 180 1.07 12.72 -4.64
C VAL A 180 0.49 11.59 -5.49
N ARG A 181 1.32 10.98 -6.31
CA ARG A 181 0.89 9.86 -7.13
C ARG A 181 1.98 8.81 -7.22
N LYS A 182 1.56 7.58 -7.58
CA LYS A 182 2.52 6.53 -7.86
C LYS A 182 3.36 6.93 -9.08
N ALA A 183 4.65 6.58 -9.03
CA ALA A 183 5.59 6.92 -10.10
C ALA A 183 6.23 5.67 -10.67
N LEU A 184 6.30 5.63 -12.00
CA LEU A 184 6.87 4.52 -12.79
C LEU A 184 6.40 3.15 -12.32
C01 JFP B . -4.72 -9.49 -8.71
C02 JFP B . -5.41 -8.19 -8.45
C03 JFP B . -5.07 -7.62 -7.09
O04 JFP B . -3.92 -7.48 -6.71
N05 JFP B . -6.15 -7.30 -6.33
C06 JFP B . -6.13 -6.52 -5.19
N07 JFP B . -7.21 -6.36 -4.46
C08 JFP B . -6.92 -5.59 -3.34
C09 JFP B . -5.67 -5.11 -3.28
S10 JFP B . -4.74 -5.67 -4.61
C11 JFP B . -8.00 -5.39 -2.32
#